data_2IYL
#
_entry.id   2IYL
#
_cell.length_a   105.196
_cell.length_b   105.196
_cell.length_c   54.500
_cell.angle_alpha   90.00
_cell.angle_beta   90.00
_cell.angle_gamma   90.00
#
_symmetry.space_group_name_H-M   'I 4'
#
loop_
_entity.id
_entity.type
_entity.pdbx_description
1 polymer 'CELL DIVISION PROTEIN FTSY'
2 non-polymer "GUANOSINE-5'-DIPHOSPHATE"
3 non-polymer 'SULFATE ION'
4 water water
#
_entity_poly.entity_id   1
_entity_poly.type   'polypeptide(L)'
_entity_poly.pdbx_seq_one_letter_code
;AIPWGGNLEEVLEELEMALLAADVGLSATEEILQEVRASGRKDLKEAVKEKLVGMLEPDERRATLRKLGFNPQKPKPVEP
KGRVVLVVGVNGVGKTTTIAKLGRYYQNLGKKVMFCAGDTFRAAGGTQLSEWGKRLSIPVIQGPEGTDPAALAYDAVQAM
KARGYDLLFVDTAGRLHTKHNLMEELKKVKRAIAKADPEEPKEVWLVLDAVTGQNGLEQAKKFHEAVGLTGVIVTKLDGT
AKGGVLIPIVRTLKVPIKFVGVGEGPDDLQPFDPEAFVEALLED
;
_entity_poly.pdbx_strand_id   D
#
loop_
_chem_comp.id
_chem_comp.type
_chem_comp.name
_chem_comp.formula
GDP RNA linking GUANOSINE-5'-DIPHOSPHATE 'C10 H15 N5 O11 P2'
SO4 non-polymer 'SULFATE ION' 'O4 S -2'
#
# COMPACT_ATOMS: atom_id res chain seq x y z
N ALA A 1 8.68 15.13 23.40
CA ALA A 1 8.90 16.52 22.91
C ALA A 1 10.34 16.72 22.50
N ILE A 2 10.55 17.03 21.23
CA ILE A 2 11.90 17.23 20.68
C ILE A 2 12.26 18.71 20.62
N PRO A 3 13.38 19.10 21.27
CA PRO A 3 13.83 20.48 21.43
C PRO A 3 14.38 21.14 20.17
N TRP A 4 13.50 21.50 19.23
CA TRP A 4 13.91 22.26 18.06
C TRP A 4 14.42 23.64 18.53
N GLY A 5 15.67 23.96 18.20
CA GLY A 5 16.28 25.21 18.66
C GLY A 5 17.37 25.00 19.70
N GLY A 6 17.46 23.80 20.25
CA GLY A 6 18.55 23.43 21.13
C GLY A 6 19.80 23.08 20.33
N ASN A 7 20.85 22.68 21.06
CA ASN A 7 22.12 22.29 20.45
C ASN A 7 21.96 21.12 19.46
N LEU A 8 22.69 21.17 18.36
CA LEU A 8 22.63 20.15 17.30
C LEU A 8 22.60 18.70 17.85
N GLU A 9 23.47 18.43 18.83
CA GLU A 9 23.55 17.12 19.46
C GLU A 9 22.36 16.78 20.37
N GLU A 10 21.69 17.81 20.92
CA GLU A 10 20.49 17.60 21.75
C GLU A 10 19.27 17.24 20.91
N VAL A 11 19.15 17.84 19.72
CA VAL A 11 18.03 17.59 18.82
C VAL A 11 18.08 16.14 18.31
N LEU A 12 19.27 15.70 17.94
CA LEU A 12 19.44 14.35 17.40
C LEU A 12 19.20 13.23 18.40
N GLU A 13 19.64 13.43 19.65
CA GLU A 13 19.42 12.45 20.71
C GLU A 13 17.93 12.24 20.96
N GLU A 14 17.17 13.33 21.08
CA GLU A 14 15.73 13.20 21.27
C GLU A 14 14.96 12.79 20.01
N LEU A 15 15.56 13.00 18.83
CA LEU A 15 15.02 12.52 17.56
C LEU A 15 15.15 11.02 17.44
N GLU A 16 16.33 10.50 17.77
CA GLU A 16 16.54 9.05 17.80
C GLU A 16 15.52 8.40 18.70
N MET A 17 15.24 9.02 19.84
CA MET A 17 14.32 8.43 20.81
C MET A 17 12.92 8.35 20.25
N ALA A 18 12.42 9.50 19.83
CA ALA A 18 11.13 9.64 19.17
C ALA A 18 10.94 8.64 18.03
N LEU A 19 11.96 8.50 17.20
CA LEU A 19 11.86 7.66 16.01
C LEU A 19 11.90 6.19 16.42
N LEU A 20 12.83 5.85 17.32
CA LEU A 20 12.89 4.47 17.83
C LEU A 20 11.59 4.06 18.54
N ALA A 21 11.06 4.97 19.36
CA ALA A 21 9.83 4.72 20.11
C ALA A 21 8.67 4.51 19.14
N ALA A 22 8.82 5.07 17.94
CA ALA A 22 7.73 5.06 16.96
C ALA A 22 7.77 3.82 16.11
N ASP A 23 8.75 2.95 16.36
CA ASP A 23 8.93 1.72 15.61
C ASP A 23 9.44 1.97 14.17
N VAL A 24 10.10 3.10 13.96
CA VAL A 24 10.81 3.44 12.70
C VAL A 24 12.00 2.50 12.53
N GLY A 25 12.50 1.97 13.65
CA GLY A 25 13.55 0.95 13.57
C GLY A 25 14.94 1.52 13.43
N LEU A 26 15.92 0.74 13.88
CA LEU A 26 17.28 1.26 14.06
C LEU A 26 17.91 1.72 12.74
N SER A 27 17.78 0.87 11.74
CA SER A 27 18.33 1.12 10.40
C SER A 27 17.90 2.47 9.77
N ALA A 28 16.60 2.71 9.67
CA ALA A 28 16.09 3.98 9.14
C ALA A 28 16.46 5.17 10.02
N THR A 29 16.30 4.99 11.34
CA THR A 29 16.60 6.05 12.30
C THR A 29 18.05 6.53 12.18
N GLU A 30 18.99 5.60 12.16
CA GLU A 30 20.42 5.95 11.96
C GLU A 30 20.64 6.73 10.65
N GLU A 31 20.06 6.21 9.57
CA GLU A 31 20.02 6.92 8.29
C GLU A 31 19.53 8.37 8.39
N ILE A 32 18.38 8.60 9.01
CA ILE A 32 17.89 9.97 9.20
C ILE A 32 18.95 10.77 9.92
N LEU A 33 19.40 10.27 11.07
CA LEU A 33 20.40 10.97 11.87
C LEU A 33 21.66 11.33 11.08
N GLN A 34 22.19 10.38 10.32
CA GLN A 34 23.35 10.62 9.46
C GLN A 34 23.02 11.74 8.46
N GLU A 35 22.00 11.52 7.64
CA GLU A 35 21.49 12.51 6.67
C GLU A 35 21.36 13.92 7.24
N VAL A 36 20.83 14.01 8.46
CA VAL A 36 20.50 15.29 9.10
C VAL A 36 21.71 16.12 9.53
N ARG A 37 22.72 15.47 10.11
CA ARG A 37 23.98 16.16 10.44
C ARG A 37 24.58 16.75 9.17
N ALA A 38 24.98 15.85 8.26
CA ALA A 38 25.52 16.21 6.94
C ALA A 38 24.93 17.52 6.40
N SER A 39 23.61 17.53 6.17
CA SER A 39 22.88 18.71 5.70
C SER A 39 22.94 19.82 6.75
N GLY A 40 23.79 20.82 6.51
CA GLY A 40 24.07 21.84 7.52
C GLY A 40 23.02 22.92 7.67
N ARG A 41 21.75 22.51 7.75
N ARG A 41 21.76 22.51 7.77
CA ARG A 41 20.63 23.47 7.75
CA ARG A 41 20.64 23.46 7.77
C ARG A 41 20.26 23.88 9.18
C ARG A 41 20.24 23.88 9.18
N LYS A 42 19.84 25.13 9.32
CA LYS A 42 19.46 25.70 10.61
C LYS A 42 18.06 25.26 11.04
N ASP A 43 17.20 25.00 10.07
CA ASP A 43 15.84 24.55 10.35
C ASP A 43 15.82 23.01 10.35
N LEU A 44 16.15 22.39 11.49
CA LEU A 44 16.28 20.93 11.51
C LEU A 44 14.96 20.17 11.58
N LYS A 45 13.87 20.81 12.00
CA LYS A 45 12.56 20.17 11.99
C LYS A 45 12.06 20.05 10.57
N GLU A 46 12.20 21.14 9.81
CA GLU A 46 11.94 21.09 8.38
C GLU A 46 12.91 20.13 7.68
N ALA A 47 14.17 20.09 8.10
CA ALA A 47 15.13 19.19 7.45
C ALA A 47 14.79 17.73 7.75
N VAL A 48 14.38 17.45 8.99
CA VAL A 48 13.95 16.11 9.38
C VAL A 48 12.69 15.68 8.60
N LYS A 49 11.69 16.57 8.52
CA LYS A 49 10.47 16.30 7.76
C LYS A 49 10.79 15.90 6.32
N GLU A 50 11.66 16.66 5.67
CA GLU A 50 12.01 16.41 4.28
C GLU A 50 12.62 15.02 4.08
N LYS A 51 13.44 14.59 5.03
CA LYS A 51 14.11 13.29 4.92
C LYS A 51 13.14 12.13 5.15
N LEU A 52 12.25 12.30 6.13
CA LEU A 52 11.20 11.31 6.44
C LEU A 52 10.14 11.24 5.33
N VAL A 53 9.63 12.40 4.90
CA VAL A 53 8.74 12.45 3.73
C VAL A 53 9.44 11.82 2.53
N GLY A 54 10.66 12.29 2.26
CA GLY A 54 11.50 11.72 1.20
C GLY A 54 11.55 10.22 1.14
N MET A 55 11.69 9.55 2.28
CA MET A 55 11.83 8.08 2.26
C MET A 55 10.51 7.30 2.17
N LEU A 56 9.38 8.02 2.27
CA LEU A 56 8.04 7.46 2.06
C LEU A 56 7.51 7.66 0.63
N GLU A 57 8.21 8.51 -0.14
CA GLU A 57 7.80 8.87 -1.50
C GLU A 57 8.82 8.46 -2.57
N PRO A 58 9.06 7.15 -2.76
CA PRO A 58 10.15 6.72 -3.67
C PRO A 58 9.90 7.03 -5.17
N ASP A 59 8.67 7.32 -5.58
CA ASP A 59 8.40 7.65 -6.99
C ASP A 59 8.90 9.05 -7.34
N ALA A 63 12.66 9.52 -11.88
CA ALA A 63 13.24 9.54 -13.22
C ALA A 63 12.91 10.85 -13.95
N THR A 64 11.73 10.93 -14.58
CA THR A 64 11.23 12.18 -15.13
C THR A 64 10.96 13.19 -14.00
N LEU A 65 10.43 12.70 -12.89
CA LEU A 65 10.24 13.57 -11.73
C LEU A 65 11.58 13.96 -11.06
N ARG A 66 12.61 13.13 -11.19
CA ARG A 66 13.93 13.45 -10.63
C ARG A 66 14.51 14.66 -11.36
N LYS A 67 14.40 14.64 -12.68
CA LYS A 67 14.85 15.72 -13.55
C LYS A 67 14.09 16.99 -13.21
N LEU A 68 12.78 16.85 -13.08
CA LEU A 68 11.90 17.96 -12.87
C LEU A 68 12.07 18.58 -11.47
N GLY A 69 12.11 17.73 -10.45
CA GLY A 69 12.32 18.15 -9.06
C GLY A 69 11.05 18.36 -8.27
N PHE A 70 9.92 18.29 -8.97
CA PHE A 70 8.62 18.33 -8.34
C PHE A 70 7.66 17.50 -9.18
N ASN A 71 6.51 17.18 -8.60
CA ASN A 71 5.43 16.56 -9.34
C ASN A 71 4.36 17.62 -9.58
N PRO A 72 4.13 18.00 -10.86
CA PRO A 72 3.16 19.05 -11.17
C PRO A 72 1.69 18.64 -10.94
N GLN A 73 1.44 17.34 -10.71
CA GLN A 73 0.08 16.83 -10.49
C GLN A 73 -0.26 16.76 -9.00
N LYS A 74 0.70 17.08 -8.14
CA LYS A 74 0.43 17.07 -6.70
C LYS A 74 0.25 18.47 -6.15
N PRO A 77 -3.94 12.78 -3.49
CA PRO A 77 -5.30 12.26 -3.72
C PRO A 77 -5.26 10.88 -4.41
N VAL A 78 -5.17 9.82 -3.62
CA VAL A 78 -4.80 8.49 -4.11
C VAL A 78 -5.83 7.86 -5.04
N GLU A 79 -5.42 7.59 -6.26
CA GLU A 79 -6.31 6.97 -7.21
C GLU A 79 -5.52 6.06 -8.15
N PRO A 80 -6.10 4.87 -8.45
CA PRO A 80 -5.44 3.98 -9.35
C PRO A 80 -5.16 4.67 -10.68
N LYS A 81 -4.01 4.32 -11.23
CA LYS A 81 -3.49 4.88 -12.45
C LYS A 81 -4.26 4.32 -13.64
N GLY A 82 -4.88 3.15 -13.44
CA GLY A 82 -5.74 2.63 -14.48
C GLY A 82 -7.01 2.05 -13.92
N ARG A 83 -7.62 1.18 -14.70
CA ARG A 83 -8.88 0.57 -14.27
C ARG A 83 -8.74 -0.70 -13.43
N VAL A 84 -7.61 -1.40 -13.53
CA VAL A 84 -7.50 -2.68 -12.85
C VAL A 84 -6.39 -2.64 -11.78
N VAL A 85 -6.76 -3.06 -10.58
CA VAL A 85 -5.88 -3.13 -9.40
C VAL A 85 -5.81 -4.59 -8.94
N LEU A 86 -4.62 -5.17 -9.09
CA LEU A 86 -4.42 -6.53 -8.62
C LEU A 86 -3.96 -6.48 -7.17
N VAL A 87 -4.68 -7.12 -6.28
CA VAL A 87 -4.38 -7.00 -4.85
C VAL A 87 -3.74 -8.28 -4.41
N VAL A 88 -2.50 -8.20 -3.88
CA VAL A 88 -1.76 -9.40 -3.52
C VAL A 88 -1.38 -9.40 -2.03
N GLY A 89 -0.95 -10.55 -1.52
CA GLY A 89 -0.57 -10.65 -0.11
C GLY A 89 -0.82 -12.06 0.37
N VAL A 90 -0.23 -12.36 1.53
CA VAL A 90 -0.41 -13.65 2.20
C VAL A 90 -1.71 -13.61 2.95
N ASN A 91 -2.32 -14.77 3.18
CA ASN A 91 -3.54 -14.87 3.98
C ASN A 91 -3.48 -14.33 5.41
N GLY A 92 -4.62 -13.78 5.85
CA GLY A 92 -4.77 -13.23 7.18
C GLY A 92 -4.31 -11.80 7.38
N VAL A 93 -3.83 -11.14 6.32
CA VAL A 93 -3.38 -9.74 6.48
C VAL A 93 -4.49 -8.71 6.34
N GLY A 94 -5.67 -9.09 5.83
CA GLY A 94 -6.80 -8.16 5.64
C GLY A 94 -7.03 -7.80 4.17
N LYS A 95 -6.68 -8.70 3.28
CA LYS A 95 -6.80 -8.61 1.82
C LYS A 95 -8.27 -8.45 1.38
N THR A 96 -9.14 -9.42 1.71
CA THR A 96 -10.58 -9.37 1.40
C THR A 96 -11.26 -8.13 2.00
N THR A 97 -10.99 -7.88 3.29
CA THR A 97 -11.56 -6.72 3.96
C THR A 97 -11.08 -5.42 3.38
N THR A 98 -9.82 -5.38 2.97
CA THR A 98 -9.23 -4.19 2.41
C THR A 98 -9.92 -3.88 1.07
N ILE A 99 -10.10 -4.90 0.23
CA ILE A 99 -10.81 -4.76 -1.04
C ILE A 99 -12.20 -4.20 -0.83
N ALA A 100 -12.91 -4.76 0.15
CA ALA A 100 -14.25 -4.28 0.50
C ALA A 100 -14.21 -2.79 0.87
N LYS A 101 -13.23 -2.40 1.71
CA LYS A 101 -13.09 -1.00 2.10
C LYS A 101 -12.67 -0.12 0.92
N LEU A 102 -11.86 -0.69 0.01
CA LEU A 102 -11.46 0.05 -1.23
C LEU A 102 -12.67 0.33 -2.13
N GLY A 103 -13.50 -0.70 -2.32
CA GLY A 103 -14.74 -0.54 -3.05
C GLY A 103 -15.61 0.56 -2.47
N ARG A 104 -15.75 0.56 -1.14
CA ARG A 104 -16.59 1.52 -0.44
C ARG A 104 -16.08 2.93 -0.64
N TYR A 105 -14.78 3.08 -0.46
CA TYR A 105 -14.09 4.35 -0.57
C TYR A 105 -14.27 4.91 -2.00
N TYR A 106 -14.03 4.07 -3.01
CA TYR A 106 -14.13 4.57 -4.41
C TYR A 106 -15.56 4.73 -4.88
N GLN A 107 -16.46 3.87 -4.43
CA GLN A 107 -17.84 4.10 -4.79
C GLN A 107 -18.42 5.33 -4.06
N ASN A 108 -17.89 5.67 -2.89
CA ASN A 108 -18.27 6.93 -2.25
C ASN A 108 -17.79 8.15 -3.01
N LEU A 109 -16.69 7.98 -3.73
CA LEU A 109 -16.25 9.04 -4.64
C LEU A 109 -16.93 9.04 -5.99
N GLY A 110 -17.96 8.24 -6.21
CA GLY A 110 -18.65 8.32 -7.48
C GLY A 110 -18.24 7.31 -8.54
N LYS A 111 -17.22 6.49 -8.23
CA LYS A 111 -16.77 5.43 -9.16
C LYS A 111 -17.68 4.23 -9.19
N LYS A 112 -17.76 3.63 -10.38
CA LYS A 112 -18.36 2.33 -10.60
C LYS A 112 -17.28 1.26 -10.43
N VAL A 113 -17.46 0.45 -9.40
CA VAL A 113 -16.43 -0.46 -8.90
C VAL A 113 -16.94 -1.85 -9.02
N MET A 114 -16.05 -2.77 -9.39
CA MET A 114 -16.39 -4.19 -9.50
C MET A 114 -15.36 -4.95 -8.71
N PHE A 115 -15.70 -6.14 -8.20
CA PHE A 115 -14.71 -7.02 -7.58
C PHE A 115 -14.56 -8.33 -8.35
N CYS A 116 -13.39 -8.94 -8.30
CA CYS A 116 -13.17 -10.27 -8.87
C CYS A 116 -12.69 -11.18 -7.77
N ALA A 117 -13.51 -12.19 -7.49
CA ALA A 117 -13.23 -13.11 -6.42
C ALA A 117 -12.23 -14.16 -6.84
N GLY A 118 -10.99 -13.76 -7.08
CA GLY A 118 -9.94 -14.65 -7.55
C GLY A 118 -9.20 -15.51 -6.52
N ASP A 119 -9.56 -15.37 -5.25
CA ASP A 119 -9.09 -16.28 -4.21
C ASP A 119 -9.98 -17.51 -4.23
N THR A 120 -9.78 -18.37 -5.22
CA THR A 120 -10.64 -19.53 -5.39
C THR A 120 -10.16 -20.71 -4.54
N THR A 127 -16.56 -16.73 -0.86
CA THR A 127 -16.95 -16.70 0.56
C THR A 127 -17.24 -15.25 1.02
N GLN A 128 -16.28 -14.68 1.73
CA GLN A 128 -16.37 -13.34 2.29
C GLN A 128 -16.60 -12.27 1.18
N LEU A 129 -15.84 -12.28 0.08
CA LEU A 129 -15.93 -11.19 -0.95
C LEU A 129 -17.32 -10.98 -1.58
N SER A 130 -17.92 -12.09 -2.00
CA SER A 130 -19.27 -12.10 -2.51
C SER A 130 -20.24 -11.37 -1.56
N GLU A 131 -20.10 -11.65 -0.25
CA GLU A 131 -20.97 -11.07 0.76
C GLU A 131 -20.74 -9.57 0.92
N TRP A 132 -19.48 -9.15 0.85
CA TRP A 132 -19.16 -7.73 0.85
C TRP A 132 -19.79 -7.02 -0.37
N GLY A 133 -19.67 -7.63 -1.54
CA GLY A 133 -20.29 -7.11 -2.75
C GLY A 133 -21.80 -6.89 -2.62
N LYS A 134 -22.52 -7.88 -2.08
CA LYS A 134 -23.95 -7.71 -1.82
C LYS A 134 -24.20 -6.52 -0.90
N ARG A 135 -23.56 -6.54 0.26
CA ARG A 135 -23.66 -5.42 1.20
C ARG A 135 -23.35 -4.07 0.59
N LEU A 136 -22.34 -4.00 -0.26
CA LEU A 136 -21.92 -2.68 -0.80
C LEU A 136 -22.61 -2.30 -2.09
N SER A 137 -23.44 -3.21 -2.61
CA SER A 137 -24.01 -3.17 -3.97
C SER A 137 -22.94 -3.04 -5.06
N ILE A 138 -21.90 -3.85 -4.91
CA ILE A 138 -20.82 -3.89 -5.89
C ILE A 138 -20.85 -5.24 -6.57
N PRO A 139 -20.86 -5.27 -7.92
CA PRO A 139 -20.82 -6.61 -8.52
C PRO A 139 -19.48 -7.35 -8.30
N VAL A 140 -19.61 -8.64 -8.12
CA VAL A 140 -18.46 -9.51 -7.87
C VAL A 140 -18.44 -10.60 -8.91
N ILE A 141 -17.32 -10.68 -9.60
CA ILE A 141 -17.13 -11.73 -10.56
C ILE A 141 -16.62 -12.94 -9.80
N GLN A 142 -17.37 -14.02 -9.92
CA GLN A 142 -17.09 -15.18 -9.11
C GLN A 142 -17.43 -16.43 -9.92
N GLY A 143 -16.83 -17.53 -9.51
CA GLY A 143 -16.93 -18.76 -10.26
C GLY A 143 -17.24 -19.94 -9.37
N PRO A 144 -17.55 -21.09 -9.98
CA PRO A 144 -17.91 -22.28 -9.22
C PRO A 144 -16.66 -22.84 -8.57
N GLU A 145 -16.85 -23.63 -7.50
CA GLU A 145 -15.77 -24.23 -6.68
C GLU A 145 -14.52 -24.57 -7.50
N GLY A 146 -13.39 -24.05 -7.02
CA GLY A 146 -12.14 -24.05 -7.77
C GLY A 146 -12.35 -23.88 -9.27
N THR A 147 -12.51 -22.62 -9.71
CA THR A 147 -12.36 -22.18 -11.12
C THR A 147 -10.94 -21.66 -11.28
N ASP A 148 -10.44 -21.63 -12.52
CA ASP A 148 -9.15 -21.01 -12.81
C ASP A 148 -9.20 -19.48 -12.53
N PRO A 149 -8.40 -19.01 -11.55
CA PRO A 149 -8.46 -17.58 -11.19
C PRO A 149 -8.06 -16.66 -12.35
N ALA A 150 -7.24 -17.17 -13.26
CA ALA A 150 -6.79 -16.42 -14.42
C ALA A 150 -7.90 -16.24 -15.44
N ALA A 151 -8.62 -17.31 -15.73
CA ALA A 151 -9.76 -17.22 -16.63
C ALA A 151 -10.82 -16.29 -15.98
N LEU A 152 -10.97 -16.37 -14.66
CA LEU A 152 -11.87 -15.49 -13.95
C LEU A 152 -11.49 -14.00 -14.11
N ALA A 153 -10.20 -13.69 -13.90
CA ALA A 153 -9.71 -12.31 -13.97
C ALA A 153 -9.96 -11.75 -15.38
N TYR A 154 -9.67 -12.56 -16.39
CA TYR A 154 -9.98 -12.16 -17.77
C TYR A 154 -11.47 -11.84 -17.94
N ASP A 155 -12.38 -12.72 -17.48
CA ASP A 155 -13.80 -12.41 -17.57
C ASP A 155 -14.18 -11.14 -16.82
N ALA A 156 -13.49 -10.87 -15.72
CA ALA A 156 -13.79 -9.70 -14.95
C ALA A 156 -13.38 -8.46 -15.70
N VAL A 157 -12.22 -8.46 -16.30
CA VAL A 157 -11.81 -7.25 -17.00
C VAL A 157 -12.78 -6.98 -18.19
N GLN A 158 -13.14 -8.03 -18.92
CA GLN A 158 -14.12 -7.88 -20.01
C GLN A 158 -15.45 -7.38 -19.49
N ALA A 159 -15.92 -7.90 -18.36
CA ALA A 159 -17.17 -7.39 -17.83
C ALA A 159 -17.04 -5.90 -17.45
N MET A 160 -15.95 -5.51 -16.81
CA MET A 160 -15.75 -4.11 -16.40
C MET A 160 -15.75 -3.21 -17.64
N LYS A 161 -15.13 -3.69 -18.71
CA LYS A 161 -15.03 -2.88 -19.96
C LYS A 161 -16.40 -2.77 -20.59
N ALA A 162 -17.10 -3.90 -20.67
CA ALA A 162 -18.37 -3.94 -21.36
C ALA A 162 -19.45 -3.18 -20.61
N ARG A 163 -19.44 -3.24 -19.29
CA ARG A 163 -20.45 -2.51 -18.54
C ARG A 163 -20.08 -1.07 -18.14
N GLY A 164 -18.95 -0.61 -18.63
CA GLY A 164 -18.48 0.77 -18.40
C GLY A 164 -18.05 1.08 -16.98
N TYR A 165 -17.42 0.11 -16.30
CA TYR A 165 -17.02 0.28 -14.88
C TYR A 165 -15.65 0.97 -14.82
N ASP A 166 -15.39 1.75 -13.78
CA ASP A 166 -14.16 2.52 -13.67
C ASP A 166 -13.05 1.69 -13.02
N LEU A 167 -13.40 0.81 -12.08
CA LEU A 167 -12.37 0.15 -11.27
C LEU A 167 -12.74 -1.29 -11.05
N LEU A 168 -11.75 -2.16 -11.15
CA LEU A 168 -11.93 -3.55 -10.86
C LEU A 168 -10.83 -3.92 -9.85
N PHE A 169 -11.23 -4.44 -8.69
CA PHE A 169 -10.28 -4.93 -7.69
C PHE A 169 -10.26 -6.43 -7.77
N VAL A 170 -9.07 -6.97 -8.04
CA VAL A 170 -8.87 -8.42 -8.19
C VAL A 170 -8.19 -9.01 -6.92
N ASP A 171 -8.98 -9.78 -6.20
CA ASP A 171 -8.57 -10.50 -5.01
C ASP A 171 -7.78 -11.71 -5.52
N THR A 172 -6.86 -12.18 -4.70
CA THR A 172 -5.95 -13.27 -5.10
C THR A 172 -5.77 -14.25 -3.94
N ALA A 173 -5.23 -15.41 -4.28
CA ALA A 173 -4.86 -16.41 -3.28
C ALA A 173 -3.71 -15.82 -2.46
N GLY A 174 -3.59 -16.30 -1.22
CA GLY A 174 -2.47 -15.91 -0.33
C GLY A 174 -1.82 -17.06 0.44
N ARG A 175 -2.15 -18.30 0.08
CA ARG A 175 -1.56 -19.50 0.70
C ARG A 175 -0.19 -19.85 0.16
N LEU A 176 0.79 -19.84 1.06
CA LEU A 176 2.21 -19.79 0.66
C LEU A 176 2.95 -21.12 0.37
N HIS A 177 2.51 -22.25 0.92
CA HIS A 177 3.25 -23.51 0.72
C HIS A 177 2.43 -24.67 0.14
N THR A 178 1.54 -24.34 -0.80
CA THR A 178 0.64 -25.31 -1.40
C THR A 178 1.32 -26.10 -2.52
N LYS A 179 0.55 -26.97 -3.19
CA LYS A 179 1.04 -27.77 -4.32
C LYS A 179 1.47 -26.90 -5.49
N HIS A 180 0.71 -25.85 -5.75
CA HIS A 180 1.02 -24.87 -6.79
C HIS A 180 1.69 -23.62 -6.26
N ASN A 181 2.75 -23.20 -6.97
CA ASN A 181 3.54 -22.00 -6.64
C ASN A 181 2.62 -20.78 -6.68
N LEU A 182 2.61 -19.99 -5.60
CA LEU A 182 1.70 -18.83 -5.53
C LEU A 182 2.13 -17.79 -6.51
N MET A 183 3.44 -17.58 -6.63
CA MET A 183 3.94 -16.53 -7.49
C MET A 183 3.61 -16.76 -8.97
N GLU A 184 3.64 -18.02 -9.39
CA GLU A 184 3.33 -18.39 -10.79
C GLU A 184 1.84 -18.23 -11.11
N GLU A 185 1.00 -18.50 -10.12
CA GLU A 185 -0.44 -18.30 -10.19
C GLU A 185 -0.74 -16.82 -10.39
N LEU A 186 -0.06 -15.98 -9.62
CA LEU A 186 -0.14 -14.51 -9.76
C LEU A 186 0.28 -14.00 -11.12
N LYS A 187 1.43 -14.48 -11.63
CA LYS A 187 1.88 -14.07 -12.95
C LYS A 187 0.83 -14.43 -14.00
N LYS A 188 0.23 -15.62 -13.88
CA LYS A 188 -0.86 -16.06 -14.77
C LYS A 188 -2.10 -15.13 -14.73
N VAL A 189 -2.50 -14.71 -13.55
CA VAL A 189 -3.62 -13.76 -13.39
C VAL A 189 -3.25 -12.47 -14.09
N LYS A 190 -2.02 -12.01 -13.87
CA LYS A 190 -1.56 -10.76 -14.41
C LYS A 190 -1.47 -10.79 -15.95
N ARG A 191 -0.98 -11.92 -16.49
CA ARG A 191 -0.97 -12.14 -17.93
C ARG A 191 -2.38 -12.20 -18.53
N ALA A 192 -3.31 -12.85 -17.85
CA ALA A 192 -4.71 -12.91 -18.29
C ALA A 192 -5.43 -11.56 -18.30
N ILE A 193 -5.17 -10.73 -17.31
CA ILE A 193 -5.71 -9.37 -17.27
C ILE A 193 -5.22 -8.59 -18.47
N ALA A 194 -3.93 -8.72 -18.76
CA ALA A 194 -3.31 -8.05 -19.94
C ALA A 194 -3.81 -8.51 -21.32
N LYS A 195 -4.41 -9.70 -21.39
CA LYS A 195 -5.03 -10.17 -22.65
C LYS A 195 -6.40 -9.52 -22.88
N ALA A 196 -7.02 -9.11 -21.77
CA ALA A 196 -8.30 -8.46 -21.81
C ALA A 196 -8.11 -6.95 -22.01
N ASP A 197 -7.04 -6.40 -21.46
CA ASP A 197 -6.68 -4.98 -21.66
C ASP A 197 -5.17 -4.86 -21.48
N PRO A 198 -4.43 -4.66 -22.59
CA PRO A 198 -2.97 -4.74 -22.50
C PRO A 198 -2.31 -3.61 -21.69
N GLU A 199 -3.05 -2.57 -21.35
CA GLU A 199 -2.53 -1.50 -20.49
C GLU A 199 -2.59 -1.90 -19.02
N GLU A 200 -3.23 -3.03 -18.74
CA GLU A 200 -3.60 -3.41 -17.38
C GLU A 200 -2.83 -4.65 -16.92
N PRO A 201 -2.73 -4.87 -15.58
CA PRO A 201 -3.25 -3.99 -14.50
C PRO A 201 -2.29 -2.86 -14.22
N LYS A 202 -2.79 -1.64 -14.11
CA LYS A 202 -1.90 -0.50 -13.91
C LYS A 202 -1.48 -0.40 -12.43
N GLU A 203 -2.13 -1.12 -11.56
CA GLU A 203 -1.75 -1.16 -10.16
C GLU A 203 -1.64 -2.60 -9.68
N VAL A 204 -0.57 -2.89 -8.94
CA VAL A 204 -0.50 -4.16 -8.24
C VAL A 204 -0.22 -3.79 -6.77
N TRP A 205 -1.16 -4.08 -5.89
CA TRP A 205 -1.07 -3.55 -4.52
C TRP A 205 -0.93 -4.64 -3.48
N LEU A 206 0.12 -4.56 -2.66
CA LEU A 206 0.41 -5.57 -1.68
C LEU A 206 -0.28 -5.14 -0.40
N VAL A 207 -0.95 -6.05 0.28
CA VAL A 207 -1.51 -5.72 1.56
C VAL A 207 -0.58 -6.35 2.66
N LEU A 208 -0.17 -5.51 3.61
CA LEU A 208 0.69 -5.92 4.72
C LEU A 208 0.08 -5.53 6.05
N ASP A 209 0.20 -6.43 7.03
CA ASP A 209 -0.12 -6.22 8.46
C ASP A 209 0.88 -5.21 9.06
N ALA A 210 0.43 -4.25 9.87
CA ALA A 210 1.35 -3.38 10.60
C ALA A 210 2.08 -4.23 11.65
N VAL A 211 1.31 -4.76 12.62
CA VAL A 211 1.79 -5.67 13.68
C VAL A 211 2.91 -6.58 13.19
N THR A 212 2.58 -7.43 12.21
CA THR A 212 3.57 -8.24 11.52
C THR A 212 4.40 -7.39 10.53
N GLY A 213 4.94 -6.27 11.02
CA GLY A 213 5.78 -5.41 10.19
C GLY A 213 7.17 -5.99 10.05
N GLN A 214 7.21 -7.30 9.81
CA GLN A 214 8.43 -8.08 9.85
C GLN A 214 9.19 -8.02 8.52
N LEU A 217 8.54 -8.72 5.37
CA LEU A 217 9.06 -7.97 4.21
C LEU A 217 9.82 -8.87 3.26
N GLU A 218 10.22 -10.03 3.80
CA GLU A 218 10.90 -11.07 3.05
C GLU A 218 10.00 -11.62 1.95
N GLN A 219 8.83 -12.12 2.34
CA GLN A 219 7.79 -12.55 1.39
C GLN A 219 7.33 -11.41 0.47
N ALA A 220 7.22 -10.21 1.05
CA ALA A 220 6.74 -9.02 0.34
C ALA A 220 7.61 -8.78 -0.89
N LYS A 221 8.94 -8.87 -0.73
CA LYS A 221 9.87 -8.77 -1.86
C LYS A 221 9.63 -9.83 -2.91
N LYS A 222 9.23 -11.02 -2.50
CA LYS A 222 8.93 -12.09 -3.45
C LYS A 222 7.71 -11.74 -4.33
N PHE A 223 6.72 -11.11 -3.69
CA PHE A 223 5.56 -10.59 -4.41
C PHE A 223 6.00 -9.62 -5.48
N HIS A 224 6.90 -8.71 -5.14
CA HIS A 224 7.39 -7.70 -6.08
C HIS A 224 8.17 -8.29 -7.28
N GLU A 225 9.01 -9.29 -7.02
CA GLU A 225 9.80 -9.96 -8.08
C GLU A 225 8.90 -10.69 -9.09
N ALA A 226 7.83 -11.25 -8.58
CA ALA A 226 6.90 -11.97 -9.44
C ALA A 226 6.02 -11.05 -10.26
N VAL A 227 5.34 -10.09 -9.61
CA VAL A 227 4.31 -9.31 -10.32
C VAL A 227 4.51 -7.78 -10.41
N GLY A 228 5.50 -7.24 -9.71
CA GLY A 228 5.84 -5.81 -9.80
C GLY A 228 4.86 -4.88 -9.10
N LEU A 229 5.09 -4.68 -7.79
CA LEU A 229 4.27 -3.82 -6.96
C LEU A 229 4.26 -2.39 -7.39
N THR A 230 3.12 -1.72 -7.22
CA THR A 230 3.04 -0.28 -7.45
C THR A 230 2.65 0.46 -6.19
N GLY A 231 2.32 -0.30 -5.16
CA GLY A 231 1.95 0.29 -3.88
C GLY A 231 1.69 -0.74 -2.82
N VAL A 232 1.57 -0.25 -1.59
CA VAL A 232 1.28 -1.08 -0.42
C VAL A 232 0.13 -0.45 0.36
N ILE A 233 -0.66 -1.31 0.97
CA ILE A 233 -1.69 -0.91 1.91
C ILE A 233 -1.27 -1.63 3.18
N VAL A 234 -1.08 -0.86 4.26
CA VAL A 234 -0.68 -1.47 5.53
C VAL A 234 -1.89 -1.49 6.46
N THR A 235 -2.28 -2.66 6.91
CA THR A 235 -3.50 -2.76 7.68
C THR A 235 -3.17 -2.66 9.18
N LYS A 236 -4.20 -2.53 10.01
CA LYS A 236 -4.07 -2.74 11.46
C LYS A 236 -3.11 -1.75 12.09
N LEU A 237 -3.27 -0.49 11.70
CA LEU A 237 -2.48 0.60 12.29
C LEU A 237 -3.22 1.17 13.50
N ASP A 238 -4.37 0.58 13.81
CA ASP A 238 -5.04 0.76 15.10
C ASP A 238 -4.44 -0.12 16.20
N GLY A 239 -3.56 -1.05 15.82
CA GLY A 239 -2.97 -2.02 16.75
C GLY A 239 -1.86 -1.47 17.66
N THR A 240 -1.01 -2.37 18.14
CA THR A 240 0.06 -2.04 19.10
C THR A 240 1.33 -1.57 18.40
N ALA A 241 1.44 -1.91 17.11
CA ALA A 241 2.50 -1.40 16.25
C ALA A 241 2.34 0.10 16.17
N LYS A 242 3.38 0.81 16.56
CA LYS A 242 3.38 2.24 16.39
C LYS A 242 3.47 2.48 14.89
N GLY A 243 3.01 3.65 14.45
CA GLY A 243 2.87 3.96 13.02
C GLY A 243 4.17 4.14 12.25
N GLY A 244 5.28 4.27 12.98
CA GLY A 244 6.61 4.43 12.43
C GLY A 244 7.10 3.27 11.59
N VAL A 245 6.48 2.09 11.74
CA VAL A 245 6.76 0.94 10.87
C VAL A 245 6.61 1.19 9.36
N LEU A 246 5.86 2.22 8.97
CA LEU A 246 5.68 2.54 7.53
C LEU A 246 6.97 2.91 6.88
N ILE A 247 7.87 3.46 7.69
CA ILE A 247 9.15 3.87 7.16
C ILE A 247 9.97 2.69 6.63
N PRO A 248 10.34 1.72 7.48
CA PRO A 248 11.11 0.63 6.90
C PRO A 248 10.36 -0.14 5.78
N ILE A 249 9.03 -0.19 5.86
CA ILE A 249 8.24 -0.79 4.76
C ILE A 249 8.57 -0.17 3.40
N VAL A 250 8.50 1.16 3.31
CA VAL A 250 8.75 1.84 2.03
C VAL A 250 10.24 1.84 1.68
N ARG A 251 11.13 1.89 2.68
CA ARG A 251 12.57 1.78 2.43
C ARG A 251 12.90 0.47 1.79
N THR A 252 12.28 -0.58 2.29
CA THR A 252 12.56 -1.93 1.84
C THR A 252 11.87 -2.24 0.53
N LEU A 253 10.64 -1.77 0.36
CA LEU A 253 9.84 -2.16 -0.82
C LEU A 253 9.96 -1.19 -1.97
N LYS A 254 10.22 0.07 -1.66
CA LYS A 254 10.38 1.15 -2.62
C LYS A 254 9.12 1.38 -3.48
N VAL A 255 7.96 1.20 -2.86
CA VAL A 255 6.69 1.65 -3.46
C VAL A 255 5.95 2.38 -2.37
N PRO A 256 5.13 3.39 -2.73
CA PRO A 256 4.47 4.18 -1.71
C PRO A 256 3.37 3.41 -0.94
N ILE A 257 3.03 3.88 0.26
CA ILE A 257 1.83 3.46 0.98
C ILE A 257 0.62 4.15 0.32
N LYS A 258 -0.37 3.39 -0.11
CA LYS A 258 -1.52 3.96 -0.82
C LYS A 258 -2.58 4.32 0.20
N PHE A 259 -2.87 3.38 1.10
CA PHE A 259 -3.89 3.46 2.14
C PHE A 259 -3.37 2.84 3.41
N VAL A 260 -3.97 3.25 4.53
CA VAL A 260 -3.74 2.63 5.83
C VAL A 260 -5.06 2.12 6.41
N GLY A 261 -5.02 0.89 6.91
CA GLY A 261 -6.18 0.28 7.57
C GLY A 261 -6.20 0.61 9.05
N VAL A 262 -7.30 1.18 9.50
CA VAL A 262 -7.41 1.68 10.88
C VAL A 262 -8.62 1.11 11.67
N GLY A 263 -9.20 0.02 11.20
CA GLY A 263 -10.23 -0.69 11.96
C GLY A 263 -10.87 -1.77 11.13
N GLU A 264 -11.79 -2.53 11.72
CA GLU A 264 -12.44 -3.63 10.97
C GLU A 264 -13.63 -3.24 10.09
N GLY A 265 -14.22 -2.07 10.31
CA GLY A 265 -15.42 -1.66 9.53
C GLY A 265 -15.08 -1.06 8.17
N PRO A 266 -16.06 -1.05 7.22
CA PRO A 266 -15.76 -0.73 5.79
C PRO A 266 -15.25 0.69 5.53
N ASP A 267 -15.44 1.60 6.48
CA ASP A 267 -14.93 2.97 6.33
C ASP A 267 -13.58 3.22 7.00
N ASP A 268 -12.99 2.17 7.57
CA ASP A 268 -11.76 2.29 8.34
C ASP A 268 -10.53 2.20 7.41
N LEU A 269 -10.58 2.94 6.32
CA LEU A 269 -9.49 2.94 5.38
C LEU A 269 -9.24 4.38 5.05
N GLN A 270 -7.97 4.76 5.20
CA GLN A 270 -7.61 6.14 4.99
C GLN A 270 -6.56 6.19 3.92
N PRO A 271 -6.75 7.05 2.93
CA PRO A 271 -5.69 7.33 1.98
C PRO A 271 -4.47 7.87 2.72
N PHE A 272 -3.30 7.37 2.37
CA PHE A 272 -2.10 7.82 3.05
C PHE A 272 -1.59 9.19 2.64
N ASP A 273 -1.24 10.00 3.64
CA ASP A 273 -0.77 11.36 3.48
C ASP A 273 0.58 11.44 4.17
N PRO A 274 1.68 11.26 3.43
CA PRO A 274 3.02 11.23 4.07
C PRO A 274 3.32 12.50 4.88
N GLU A 275 2.75 13.63 4.48
CA GLU A 275 3.04 14.90 5.16
C GLU A 275 2.31 14.97 6.49
N ALA A 276 1.04 14.61 6.52
CA ALA A 276 0.32 14.52 7.79
C ALA A 276 0.94 13.47 8.70
N PHE A 277 1.35 12.35 8.12
CA PHE A 277 1.98 11.29 8.90
C PHE A 277 3.26 11.81 9.61
N VAL A 278 4.17 12.39 8.83
CA VAL A 278 5.41 12.91 9.41
C VAL A 278 5.14 13.95 10.50
N GLU A 279 4.27 14.92 10.23
CA GLU A 279 3.87 15.89 11.26
C GLU A 279 3.37 15.20 12.55
N ALA A 280 2.59 14.13 12.41
CA ALA A 280 2.05 13.41 13.57
C ALA A 280 3.09 12.58 14.29
N LEU A 281 4.07 12.10 13.53
CA LEU A 281 5.16 11.29 14.04
C LEU A 281 5.96 12.09 15.07
N LEU A 282 6.17 13.37 14.78
CA LEU A 282 7.07 14.25 15.56
C LEU A 282 6.36 15.17 16.57
N GLU A 283 5.03 15.05 16.67
CA GLU A 283 4.22 15.89 17.53
C GLU A 283 4.56 15.70 19.02
N ASP A 284 4.52 16.79 19.80
CA ASP A 284 4.75 16.74 21.24
C ASP A 284 3.74 15.81 21.92
PB GDP B . -7.28 -11.93 4.35
O1B GDP B . -8.18 -11.77 3.16
O2B GDP B . -7.12 -13.35 4.76
O3B GDP B . -5.95 -11.24 4.20
O3A GDP B . -7.94 -11.13 5.57
PA GDP B . -9.48 -10.86 5.97
O1A GDP B . -10.18 -12.17 6.20
O2A GDP B . -10.12 -9.86 5.05
O5' GDP B . -9.17 -10.14 7.37
C5' GDP B . -8.42 -10.77 8.41
C4' GDP B . -8.84 -10.09 9.71
O4' GDP B . -8.16 -8.85 9.83
C3' GDP B . -10.33 -9.76 9.70
O3' GDP B . -10.80 -10.17 10.99
C2' GDP B . -10.39 -8.24 9.62
O2' GDP B . -11.45 -7.71 10.43
C1' GDP B . -9.07 -7.84 10.22
N9 GDP B . -8.56 -6.54 9.70
C8 GDP B . -8.24 -6.25 8.43
N7 GDP B . -7.80 -4.97 8.35
C5 GDP B . -7.85 -4.43 9.57
C6 GDP B . -7.53 -3.13 10.19
O6 GDP B . -7.08 -2.19 9.49
N1 GDP B . -7.73 -2.98 11.53
C2 GDP B . -8.20 -4.00 12.29
N2 GDP B . -8.39 -3.78 13.60
N3 GDP B . -8.51 -5.21 11.78
C4 GDP B . -8.36 -5.48 10.48
S SO4 C . -24.62 -2.55 -14.70
O1 SO4 C . -24.11 -3.14 -13.47
O2 SO4 C . -23.81 -2.84 -15.88
O3 SO4 C . -25.91 -3.15 -15.03
O4 SO4 C . -24.58 -1.09 -14.57
S SO4 D . -7.22 -12.59 3.54
O1 SO4 D . -6.06 -11.72 3.67
O2 SO4 D . -8.02 -12.26 2.38
O3 SO4 D . -6.74 -13.96 3.39
O4 SO4 D . -8.05 -12.46 4.74
#